data_4GWO
#
_entry.id   4GWO
#
_cell.length_a   46.921
_cell.length_b   105.301
_cell.length_c   47.751
_cell.angle_alpha   90.00
_cell.angle_beta   103.26
_cell.angle_gamma   90.00
#
_symmetry.space_group_name_H-M   'P 1 21 1'
#
loop_
_entity.id
_entity.type
_entity.pdbx_description
1 polymer 'HTH-type transcriptional regulator CysB'
2 non-polymer GLYCEROL
3 non-polymer 'SULFATE ION'
4 water water
#
_entity_poly.entity_id   1
_entity_poly.type   'polypeptide(L)'
_entity_poly.pdbx_seq_one_letter_code
;HHHHHHMKLQQLRYIVEVVNHNLNVSSTAEGLYTSQPGISKQVRMLEDELGIQIFARSGKHLTQVTPAGQEIIRIAREVL
SKVDAIKSVAGEHTWPDKGSLYIATTHTQARYALPGVIKGFIERYPRVSLHMHQGSPTQIAEAVSKGNADFAIATEALHL
YDDLVMLPCYHWNRSIVVTPDHPLAATSSVTIEALAQYPLVTYTFGFTGRSELDTAFNRAGLTPRIVFTATDADVIKTYV
RLGLGVGVIASMAVDPLADPDLVRIDAHDIFSHSTTKIGFRRSTFLRSYMYDFIQRFAPHLTRDVVDTAVALRSNEEIEA
MFQDIKLPEK
;
_entity_poly.pdbx_strand_id   A,B
#
loop_
_chem_comp.id
_chem_comp.type
_chem_comp.name
_chem_comp.formula
GOL non-polymer GLYCEROL 'C3 H8 O3'
SO4 non-polymer 'SULFATE ION' 'O4 S -2'
#
# COMPACT_ATOMS: atom_id res chain seq x y z
N GLU A 92 -28.27 25.39 -6.20
CA GLU A 92 -27.00 24.94 -6.75
C GLU A 92 -26.60 23.55 -6.30
N HIS A 93 -26.52 22.59 -7.22
CA HIS A 93 -25.51 21.54 -7.00
C HIS A 93 -25.05 20.63 -8.14
N THR A 94 -25.94 20.19 -9.03
CA THR A 94 -25.70 18.97 -9.81
C THR A 94 -25.68 19.10 -11.32
N TRP A 95 -24.70 18.49 -11.98
CA TRP A 95 -24.58 18.55 -13.43
C TRP A 95 -24.94 17.21 -14.05
N PRO A 96 -25.65 17.24 -15.18
CA PRO A 96 -26.17 16.03 -15.80
C PRO A 96 -25.13 15.29 -16.64
N ASP A 97 -23.91 15.82 -16.70
CA ASP A 97 -22.85 15.22 -17.53
C ASP A 97 -22.71 13.69 -17.39
N LYS A 98 -22.59 13.04 -18.55
CA LYS A 98 -22.58 11.61 -18.64
C LYS A 98 -21.27 11.17 -19.30
N GLY A 99 -20.58 10.23 -18.67
CA GLY A 99 -19.29 9.75 -19.14
C GLY A 99 -18.58 8.97 -18.05
N SER A 100 -17.36 8.54 -18.31
CA SER A 100 -16.58 7.93 -17.24
C SER A 100 -15.23 8.63 -16.98
N LEU A 101 -14.73 8.50 -15.76
CA LEU A 101 -13.43 9.03 -15.36
C LEU A 101 -12.61 7.96 -14.66
N TYR A 102 -11.52 7.53 -15.30
CA TYR A 102 -10.66 6.50 -14.74
C TYR A 102 -9.37 7.06 -14.17
N ILE A 103 -9.30 7.13 -12.84
CA ILE A 103 -8.11 7.58 -12.15
C ILE A 103 -7.26 6.44 -11.61
N ALA A 104 -6.00 6.48 -11.97
CA ALA A 104 -5.01 5.54 -11.50
C ALA A 104 -4.04 6.34 -10.64
N THR A 105 -3.90 5.93 -9.38
CA THR A 105 -3.05 6.65 -8.46
C THR A 105 -2.36 5.76 -7.39
N THR A 106 -1.74 6.40 -6.41
CA THR A 106 -0.95 5.71 -5.39
C THR A 106 -1.60 5.86 -4.02
N HIS A 107 -1.02 5.19 -3.04
CA HIS A 107 -1.46 5.28 -1.66
C HIS A 107 -1.39 6.70 -1.11
N THR A 108 -0.30 7.40 -1.36
CA THR A 108 -0.14 8.76 -0.84
C THR A 108 -1.32 9.65 -1.27
N GLN A 109 -1.51 9.72 -2.58
CA GLN A 109 -2.59 10.51 -3.16
C GLN A 109 -3.95 10.08 -2.64
N ALA A 110 -4.27 8.80 -2.82
CA ALA A 110 -5.56 8.26 -2.39
C ALA A 110 -5.86 8.48 -0.91
N ARG A 111 -4.85 8.30 -0.06
CA ARG A 111 -5.06 8.37 1.40
C ARG A 111 -5.17 9.80 1.89
N TYR A 112 -4.35 10.68 1.30
CA TYR A 112 -4.04 11.96 1.92
C TYR A 112 -4.36 13.20 1.08
N ALA A 113 -4.38 13.07 -0.25
CA ALA A 113 -4.53 14.22 -1.17
C ALA A 113 -5.85 14.24 -1.94
N LEU A 114 -6.47 13.07 -2.14
CA LEU A 114 -7.64 12.96 -3.00
C LEU A 114 -9.03 12.81 -2.37
N PRO A 115 -9.13 12.39 -1.09
CA PRO A 115 -10.50 12.09 -0.67
C PRO A 115 -11.47 13.27 -0.79
N GLY A 116 -11.03 14.47 -0.45
CA GLY A 116 -11.89 15.65 -0.53
C GLY A 116 -12.35 15.89 -1.95
N VAL A 117 -11.38 16.00 -2.86
CA VAL A 117 -11.67 16.15 -4.26
C VAL A 117 -12.60 15.08 -4.79
N ILE A 118 -12.31 13.81 -4.47
CA ILE A 118 -13.12 12.72 -4.96
C ILE A 118 -14.57 12.78 -4.45
N LYS A 119 -14.75 13.16 -3.19
CA LYS A 119 -16.09 13.31 -2.61
C LYS A 119 -16.90 14.44 -3.29
N GLY A 120 -16.27 15.59 -3.50
CA GLY A 120 -16.94 16.70 -4.15
C GLY A 120 -17.33 16.31 -5.54
N PHE A 121 -16.47 15.53 -6.18
CA PHE A 121 -16.69 15.17 -7.56
C PHE A 121 -17.88 14.27 -7.73
N ILE A 122 -17.95 13.23 -6.92
CA ILE A 122 -19.02 12.25 -7.05
C ILE A 122 -20.38 12.87 -6.79
N GLU A 123 -20.45 13.79 -5.85
CA GLU A 123 -21.69 14.51 -5.56
C GLU A 123 -21.98 15.56 -6.65
N ARG A 124 -20.96 15.97 -7.38
CA ARG A 124 -21.17 16.93 -8.45
C ARG A 124 -21.66 16.24 -9.72
N TYR A 125 -21.18 15.02 -9.95
CA TYR A 125 -21.41 14.36 -11.24
C TYR A 125 -22.08 12.99 -11.18
N PRO A 126 -23.35 12.97 -10.74
CA PRO A 126 -24.07 11.71 -10.52
C PRO A 126 -24.08 10.82 -11.74
N ARG A 127 -23.97 11.36 -12.94
CA ARG A 127 -24.01 10.52 -14.13
C ARG A 127 -22.61 10.19 -14.67
N VAL A 128 -21.58 10.60 -13.94
CA VAL A 128 -20.23 10.23 -14.32
C VAL A 128 -19.84 8.98 -13.54
N SER A 129 -19.46 7.91 -14.24
CA SER A 129 -18.90 6.72 -13.59
C SER A 129 -17.43 6.94 -13.21
N LEU A 130 -17.19 7.15 -11.93
CA LEU A 130 -15.84 7.24 -11.40
C LEU A 130 -15.22 5.85 -11.19
N HIS A 131 -14.08 5.56 -11.83
CA HIS A 131 -13.30 4.37 -11.51
C HIS A 131 -11.90 4.75 -11.01
N MET A 132 -11.41 3.99 -10.04
CA MET A 132 -10.08 4.25 -9.46
C MET A 132 -9.25 2.99 -9.34
N HIS A 133 -7.97 3.15 -9.53
CA HIS A 133 -7.08 2.02 -9.50
C HIS A 133 -5.82 2.44 -8.76
N GLN A 134 -5.39 1.63 -7.80
CA GLN A 134 -4.20 1.90 -7.02
C GLN A 134 -3.05 1.01 -7.45
N GLY A 135 -1.83 1.56 -7.44
CA GLY A 135 -0.66 0.82 -7.86
C GLY A 135 0.60 1.60 -7.59
N SER A 136 1.74 1.06 -8.00
CA SER A 136 2.99 1.76 -7.88
C SER A 136 2.96 2.87 -8.91
N PRO A 137 3.82 3.90 -8.75
CA PRO A 137 3.82 4.99 -9.74
C PRO A 137 4.03 4.51 -11.18
N THR A 138 4.88 3.49 -11.34
CA THR A 138 5.18 2.96 -12.67
C THR A 138 3.98 2.19 -13.27
N GLN A 139 3.25 1.46 -12.43
CA GLN A 139 2.08 0.72 -12.92
C GLN A 139 0.94 1.65 -13.29
N ILE A 140 0.82 2.70 -12.49
CA ILE A 140 -0.13 3.78 -12.69
C ILE A 140 0.15 4.49 -14.01
N ALA A 141 1.42 4.68 -14.32
CA ALA A 141 1.79 5.36 -15.54
C ALA A 141 1.55 4.46 -16.74
N GLU A 142 1.89 3.20 -16.58
CA GLU A 142 1.67 2.22 -17.62
C GLU A 142 0.18 2.11 -17.94
N ALA A 143 -0.63 2.10 -16.88
CA ALA A 143 -2.07 2.04 -17.00
C ALA A 143 -2.63 3.17 -17.86
N VAL A 144 -2.12 4.39 -17.69
CA VAL A 144 -2.62 5.53 -18.49
C VAL A 144 -2.11 5.42 -19.92
N SER A 145 -0.87 4.99 -20.05
CA SER A 145 -0.22 4.86 -21.35
C SER A 145 -0.78 3.70 -22.19
N LYS A 146 -1.19 2.61 -21.52
CA LYS A 146 -1.81 1.48 -22.21
C LYS A 146 -3.27 1.80 -22.52
N GLY A 147 -3.79 2.85 -21.90
CA GLY A 147 -5.16 3.26 -22.15
C GLY A 147 -6.22 2.73 -21.20
N ASN A 148 -5.80 2.10 -20.10
CA ASN A 148 -6.71 1.59 -19.08
C ASN A 148 -7.15 2.62 -18.01
N ALA A 149 -6.63 3.85 -18.09
CA ALA A 149 -7.05 4.93 -17.18
C ALA A 149 -6.90 6.28 -17.86
N ASP A 150 -7.62 7.28 -17.36
CA ASP A 150 -7.59 8.58 -17.99
C ASP A 150 -6.44 9.40 -17.45
N PHE A 151 -6.24 9.34 -16.12
CA PHE A 151 -5.27 10.16 -15.44
C PHE A 151 -4.42 9.36 -14.50
N ALA A 152 -3.12 9.68 -14.52
CA ALA A 152 -2.13 9.15 -13.58
C ALA A 152 -1.84 10.27 -12.61
N ILE A 153 -1.95 10.00 -11.32
CA ILE A 153 -1.54 10.99 -10.33
C ILE A 153 -0.52 10.34 -9.38
N ALA A 154 0.70 10.85 -9.42
CA ALA A 154 1.79 10.34 -8.59
C ALA A 154 2.96 11.32 -8.57
N THR A 155 3.88 11.12 -7.64
CA THR A 155 5.11 11.90 -7.59
C THR A 155 6.18 11.26 -8.47
N GLU A 156 6.32 9.94 -8.33
CA GLU A 156 7.39 9.18 -8.97
C GLU A 156 7.13 8.73 -10.39
N ALA A 157 8.18 8.33 -11.09
CA ALA A 157 8.09 7.64 -12.39
C ALA A 157 7.43 8.40 -13.58
N LEU A 158 6.44 9.20 -13.27
CA LEU A 158 5.60 9.85 -14.28
C LEU A 158 6.40 10.59 -15.36
N HIS A 159 7.46 11.27 -14.94
CA HIS A 159 8.33 12.00 -15.85
C HIS A 159 9.04 11.11 -16.89
N LEU A 160 9.07 9.80 -16.68
CA LEU A 160 9.79 8.90 -17.59
C LEU A 160 8.94 8.47 -18.77
N TYR A 161 7.71 8.97 -18.81
CA TYR A 161 6.78 8.58 -19.85
C TYR A 161 6.38 9.81 -20.62
N ASP A 162 7.26 10.28 -21.51
CA ASP A 162 6.96 11.50 -22.24
C ASP A 162 5.89 11.30 -23.32
N ASP A 163 5.34 10.09 -23.39
CA ASP A 163 4.10 9.86 -24.14
C ASP A 163 2.87 10.37 -23.35
N LEU A 164 3.13 10.90 -22.17
CA LEU A 164 2.10 11.50 -21.33
C LEU A 164 2.41 12.99 -21.21
N VAL A 165 1.38 13.82 -21.06
CA VAL A 165 1.61 15.21 -20.70
C VAL A 165 1.51 15.28 -19.20
N MET A 166 2.49 15.91 -18.57
CA MET A 166 2.59 15.97 -17.14
C MET A 166 2.28 17.38 -16.68
N LEU A 167 1.48 17.50 -15.63
CA LEU A 167 1.13 18.77 -15.08
C LEU A 167 1.46 18.75 -13.59
N PRO A 168 2.30 19.70 -13.15
CA PRO A 168 2.58 19.85 -11.72
C PRO A 168 1.33 20.23 -10.94
N CYS A 169 1.07 19.52 -9.85
CA CYS A 169 -0.11 19.77 -9.03
C CYS A 169 0.21 20.42 -7.71
N TYR A 170 1.28 19.97 -7.07
CA TYR A 170 1.72 20.55 -5.82
C TYR A 170 3.15 20.12 -5.46
N HIS A 171 3.70 20.79 -4.45
CA HIS A 171 5.02 20.47 -3.94
C HIS A 171 4.80 19.90 -2.54
N TRP A 172 5.69 19.02 -2.12
CA TRP A 172 5.60 18.48 -0.76
C TRP A 172 6.97 18.14 -0.22
N ASN A 173 7.05 18.02 1.09
CA ASN A 173 8.31 17.58 1.64
C ASN A 173 8.10 16.66 2.83
N ARG A 174 9.20 16.19 3.37
CA ARG A 174 9.18 15.12 4.36
C ARG A 174 9.22 15.63 5.80
N SER A 175 8.76 14.76 6.70
CA SER A 175 8.97 14.92 8.12
C SER A 175 9.69 13.67 8.63
N ILE A 176 10.54 13.82 9.64
CA ILE A 176 10.95 12.62 10.32
C ILE A 176 9.99 12.43 11.49
N VAL A 177 9.79 11.18 11.86
CA VAL A 177 8.72 10.86 12.77
C VAL A 177 9.25 9.80 13.72
N VAL A 178 9.06 10.01 15.02
CA VAL A 178 9.59 9.13 16.05
C VAL A 178 8.60 9.04 17.19
N THR A 179 8.75 8.02 18.02
CA THR A 179 7.93 7.90 19.21
C THR A 179 8.45 8.95 20.18
N PRO A 180 7.61 9.41 21.13
CA PRO A 180 7.99 10.46 22.08
C PRO A 180 9.36 10.27 22.76
N ASP A 181 9.77 9.03 23.00
CA ASP A 181 10.96 8.72 23.79
C ASP A 181 12.27 8.65 23.00
N HIS A 182 12.19 8.88 21.69
CA HIS A 182 13.40 8.77 20.87
C HIS A 182 14.32 9.97 21.10
N PRO A 183 15.63 9.77 20.91
CA PRO A 183 16.65 10.81 21.04
C PRO A 183 16.42 12.04 20.17
N LEU A 184 15.85 11.82 18.99
CA LEU A 184 15.58 12.90 18.07
C LEU A 184 14.37 13.72 18.51
N ALA A 185 13.52 13.12 19.33
CA ALA A 185 12.32 13.78 19.84
C ALA A 185 12.67 15.05 20.62
N ALA A 186 13.92 15.13 21.05
CA ALA A 186 14.39 16.22 21.89
C ALA A 186 14.62 17.52 21.13
N THR A 187 15.09 17.44 19.88
CA THR A 187 15.35 18.66 19.13
C THR A 187 14.19 19.04 18.20
N SER A 188 14.52 19.92 17.27
CA SER A 188 13.66 20.24 16.14
C SER A 188 14.64 20.86 15.17
N SER A 189 15.83 20.26 15.24
CA SER A 189 17.04 20.72 14.62
C SER A 189 17.67 19.43 14.11
N VAL A 190 17.56 19.27 12.81
CA VAL A 190 17.71 18.05 12.09
C VAL A 190 18.84 18.22 11.08
N THR A 191 20.05 17.81 11.43
CA THR A 191 21.09 17.78 10.41
C THR A 191 21.04 16.41 9.75
N ILE A 192 21.40 16.35 8.48
CA ILE A 192 21.34 15.09 7.76
C ILE A 192 22.38 14.10 8.32
N GLU A 193 23.45 14.64 8.88
CA GLU A 193 24.47 13.85 9.58
C GLU A 193 23.94 13.29 10.91
N ALA A 194 23.16 14.07 11.66
CA ALA A 194 22.47 13.52 12.82
C ALA A 194 21.52 12.37 12.45
N LEU A 195 20.75 12.56 11.38
CA LEU A 195 19.75 11.57 10.97
C LEU A 195 20.41 10.26 10.56
N ALA A 196 21.51 10.34 9.83
CA ALA A 196 22.20 9.15 9.30
C ALA A 196 22.77 8.23 10.40
N GLN A 197 22.68 8.69 11.65
CA GLN A 197 23.15 7.94 12.79
C GLN A 197 22.12 6.86 13.17
N TYR A 198 20.92 6.99 12.64
CA TYR A 198 19.81 6.19 13.08
C TYR A 198 19.38 5.21 12.00
N PRO A 199 18.75 4.11 12.41
CA PRO A 199 18.11 3.15 11.50
C PRO A 199 16.79 3.71 10.96
N LEU A 200 16.63 3.66 9.65
CA LEU A 200 15.53 4.37 9.01
C LEU A 200 14.41 3.47 8.48
N VAL A 201 13.18 3.86 8.81
CA VAL A 201 11.98 3.30 8.21
C VAL A 201 11.42 4.30 7.18
N THR A 202 11.61 4.02 5.89
CA THR A 202 11.12 4.92 4.87
C THR A 202 10.58 4.20 3.60
N TYR A 203 10.42 4.94 2.51
CA TYR A 203 9.90 4.36 1.27
C TYR A 203 10.95 3.58 0.49
N THR A 204 10.51 2.53 -0.20
CA THR A 204 11.36 1.84 -1.17
C THR A 204 11.67 2.74 -2.34
N PHE A 205 12.84 2.53 -2.91
CA PHE A 205 13.23 3.14 -4.16
C PHE A 205 12.08 3.05 -5.16
N GLY A 206 11.75 4.17 -5.80
CA GLY A 206 10.67 4.24 -6.77
C GLY A 206 9.35 4.70 -6.19
N PHE A 207 9.32 5.02 -4.91
CA PHE A 207 8.08 5.41 -4.26
C PHE A 207 8.22 6.73 -3.53
N THR A 208 7.19 7.57 -3.68
CA THR A 208 6.99 8.75 -2.85
C THR A 208 8.27 9.50 -2.44
N GLY A 209 9.01 10.00 -3.42
CA GLY A 209 10.10 10.90 -3.13
C GLY A 209 11.35 10.25 -2.58
N ARG A 210 11.44 8.93 -2.71
CA ARG A 210 12.63 8.20 -2.25
C ARG A 210 13.91 8.75 -2.85
N SER A 211 13.87 9.07 -4.15
CA SER A 211 15.02 9.63 -4.87
C SER A 211 15.54 10.94 -4.28
N GLU A 212 14.64 11.76 -3.75
CA GLU A 212 15.06 12.94 -2.99
C GLU A 212 15.86 12.56 -1.73
N LEU A 213 15.48 11.46 -1.08
CA LEU A 213 16.20 11.05 0.13
C LEU A 213 17.59 10.52 -0.21
N ASP A 214 17.69 9.75 -1.29
CA ASP A 214 18.98 9.18 -1.67
C ASP A 214 19.92 10.30 -2.07
N THR A 215 19.39 11.23 -2.86
CA THR A 215 20.14 12.38 -3.31
C THR A 215 20.75 13.10 -2.13
N ALA A 216 19.95 13.37 -1.11
CA ALA A 216 20.41 14.20 -0.01
C ALA A 216 21.54 13.46 0.71
N PHE A 217 21.36 12.16 0.93
CA PHE A 217 22.39 11.38 1.60
C PHE A 217 23.64 11.21 0.75
N ASN A 218 23.48 11.00 -0.55
CA ASN A 218 24.65 10.77 -1.38
C ASN A 218 25.53 12.01 -1.52
N ARG A 219 24.91 13.17 -1.74
CA ARG A 219 25.67 14.41 -1.85
C ARG A 219 26.29 14.82 -0.51
N ALA A 220 25.79 14.27 0.59
CA ALA A 220 26.42 14.56 1.88
C ALA A 220 27.49 13.52 2.16
N GLY A 221 27.79 12.69 1.16
CA GLY A 221 28.76 11.61 1.33
C GLY A 221 28.16 10.37 2.00
N LEU A 222 27.32 10.63 3.00
CA LEU A 222 26.66 9.64 3.85
C LEU A 222 26.02 8.43 3.16
N THR A 223 25.99 7.32 3.90
CA THR A 223 25.24 6.12 3.50
C THR A 223 24.22 5.76 4.57
N PRO A 224 22.93 5.94 4.27
CA PRO A 224 21.88 5.78 5.28
C PRO A 224 21.65 4.31 5.66
N ARG A 225 21.26 4.03 6.89
CA ARG A 225 20.91 2.67 7.29
C ARG A 225 19.41 2.48 7.29
N ILE A 226 18.87 1.98 6.19
CA ILE A 226 17.44 1.79 6.08
C ILE A 226 17.02 0.36 6.42
N VAL A 227 16.29 0.17 7.52
CA VAL A 227 15.97 -1.19 7.98
C VAL A 227 14.60 -1.70 7.51
N PHE A 228 13.81 -0.79 6.94
CA PHE A 228 12.50 -1.12 6.42
C PHE A 228 12.22 -0.23 5.20
N THR A 229 12.15 -0.85 4.03
CA THR A 229 11.80 -0.16 2.81
C THR A 229 10.36 -0.51 2.51
N ALA A 230 9.47 0.43 2.78
CA ALA A 230 8.02 0.20 2.65
C ALA A 230 7.43 0.87 1.39
N THR A 231 6.19 0.54 1.07
CA THR A 231 5.50 1.18 -0.07
C THR A 231 4.40 2.16 0.31
N ASP A 232 4.08 2.26 1.59
CA ASP A 232 3.17 3.32 2.03
C ASP A 232 3.46 3.77 3.46
N ALA A 233 2.81 4.85 3.87
CA ALA A 233 3.13 5.44 5.14
C ALA A 233 2.32 4.87 6.30
N ASP A 234 1.27 4.12 6.00
CA ASP A 234 0.54 3.38 7.06
C ASP A 234 1.41 2.27 7.66
N VAL A 235 2.11 1.54 6.79
CA VAL A 235 3.07 0.55 7.21
C VAL A 235 4.20 1.21 7.99
N ILE A 236 4.74 2.30 7.42
CA ILE A 236 5.91 2.96 7.99
C ILE A 236 5.65 3.43 9.41
N LYS A 237 4.50 4.05 9.61
CA LYS A 237 4.12 4.57 10.91
C LYS A 237 3.88 3.46 11.92
N THR A 238 3.39 2.32 11.44
CA THR A 238 3.18 1.17 12.31
C THR A 238 4.51 0.73 12.95
N TYR A 239 5.57 0.64 12.15
CA TYR A 239 6.82 0.06 12.60
C TYR A 239 7.70 1.04 13.29
N VAL A 240 7.40 2.33 13.11
CA VAL A 240 8.00 3.36 13.94
C VAL A 240 7.38 3.27 15.33
N ARG A 241 6.05 3.13 15.35
CA ARG A 241 5.32 2.93 16.59
C ARG A 241 5.82 1.72 17.41
N LEU A 242 6.31 0.68 16.73
CA LEU A 242 6.86 -0.52 17.40
C LEU A 242 8.31 -0.35 17.84
N GLY A 243 8.91 0.81 17.54
CA GLY A 243 10.30 1.05 17.85
C GLY A 243 11.32 0.45 16.90
N LEU A 244 10.93 0.12 15.67
CA LEU A 244 11.90 -0.47 14.73
C LEU A 244 12.95 0.55 14.28
N GLY A 245 12.59 1.82 14.24
CA GLY A 245 13.51 2.82 13.74
C GLY A 245 12.89 4.19 13.56
N VAL A 246 13.63 5.07 12.87
CA VAL A 246 13.23 6.46 12.61
C VAL A 246 12.46 6.61 11.30
N GLY A 247 11.24 7.11 11.38
CA GLY A 247 10.44 7.30 10.20
C GLY A 247 10.77 8.55 9.40
N VAL A 248 10.88 8.39 8.08
CA VAL A 248 10.85 9.54 7.19
C VAL A 248 9.70 9.32 6.16
N ILE A 249 8.65 10.12 6.32
CA ILE A 249 7.46 10.04 5.47
C ILE A 249 7.12 11.41 4.82
N ALA A 250 6.10 11.41 3.98
CA ALA A 250 5.56 12.66 3.49
C ALA A 250 4.84 13.30 4.67
N SER A 251 5.03 14.61 4.80
CA SER A 251 4.46 15.41 5.88
C SER A 251 2.95 15.29 5.91
N MET A 252 2.35 15.22 4.72
CA MET A 252 0.90 14.99 4.60
C MET A 252 0.43 13.66 5.21
N ALA A 253 1.35 12.72 5.44
CA ALA A 253 1.00 11.39 5.95
C ALA A 253 0.91 11.35 7.46
N VAL A 254 1.19 12.48 8.10
CA VAL A 254 1.07 12.54 9.54
C VAL A 254 0.17 13.69 9.93
N ASP A 255 -0.77 13.41 10.83
CA ASP A 255 -1.62 14.46 11.36
C ASP A 255 -1.65 14.39 12.89
N PRO A 256 -1.59 15.56 13.54
CA PRO A 256 -1.66 15.70 15.00
C PRO A 256 -2.85 14.97 15.65
N LEU A 257 -3.97 14.87 14.95
CA LEU A 257 -5.15 14.22 15.54
C LEU A 257 -5.14 12.73 15.21
N ALA A 258 -4.77 12.40 13.98
CA ALA A 258 -4.76 11.01 13.51
C ALA A 258 -3.59 10.22 14.09
N ASP A 259 -2.46 10.90 14.27
CA ASP A 259 -1.27 10.26 14.79
C ASP A 259 -0.74 11.03 16.01
N PRO A 260 -1.54 11.10 17.09
CA PRO A 260 -1.14 11.94 18.24
C PRO A 260 0.04 11.36 19.04
N ASP A 261 0.34 10.08 18.82
CA ASP A 261 1.39 9.40 19.56
C ASP A 261 2.73 9.44 18.84
N LEU A 262 2.86 10.31 17.86
CA LEU A 262 4.13 10.45 17.13
C LEU A 262 4.67 11.87 17.18
N VAL A 263 5.98 12.00 17.36
CA VAL A 263 6.64 13.29 17.30
C VAL A 263 7.07 13.56 15.88
N ARG A 264 6.65 14.71 15.33
CA ARG A 264 6.84 15.03 13.92
C ARG A 264 7.83 16.13 13.70
N ILE A 265 9.05 15.76 13.32
CA ILE A 265 10.09 16.76 13.12
C ILE A 265 10.20 17.16 11.66
N ASP A 266 10.32 18.46 11.40
CA ASP A 266 10.35 18.98 10.04
C ASP A 266 11.70 18.84 9.38
N ALA A 267 11.70 18.42 8.13
CA ALA A 267 12.93 18.05 7.45
C ALA A 267 13.11 18.74 6.11
N HIS A 268 12.33 19.80 5.87
CA HIS A 268 12.44 20.58 4.62
C HIS A 268 13.83 21.21 4.44
N ASP A 269 14.59 21.33 5.53
CA ASP A 269 15.96 21.84 5.47
C ASP A 269 16.90 20.86 4.76
N ILE A 270 16.77 19.58 5.06
CA ILE A 270 17.72 18.59 4.56
C ILE A 270 17.34 17.90 3.26
N PHE A 271 16.06 17.96 2.91
CA PHE A 271 15.64 17.36 1.64
C PHE A 271 15.07 18.39 0.68
N SER A 272 15.42 18.26 -0.60
CA SER A 272 14.68 18.96 -1.66
C SER A 272 13.19 18.57 -1.58
N HIS A 273 12.32 19.44 -2.09
CA HIS A 273 10.89 19.13 -2.16
C HIS A 273 10.64 18.13 -3.28
N SER A 274 9.49 17.49 -3.23
CA SER A 274 9.07 16.62 -4.33
C SER A 274 7.82 17.17 -4.98
N THR A 275 7.55 16.74 -6.21
CA THR A 275 6.43 17.30 -6.93
C THR A 275 5.50 16.22 -7.44
N THR A 276 4.29 16.19 -6.90
CA THR A 276 3.20 15.33 -7.36
C THR A 276 2.59 15.88 -8.66
N LYS A 277 2.60 15.07 -9.71
CA LYS A 277 2.06 15.53 -10.99
C LYS A 277 0.88 14.69 -11.44
N ILE A 278 0.13 15.23 -12.39
CA ILE A 278 -0.95 14.48 -13.05
C ILE A 278 -0.63 14.30 -14.53
N GLY A 279 -0.88 13.10 -15.05
CA GLY A 279 -0.51 12.78 -16.41
C GLY A 279 -1.65 12.14 -17.15
N PHE A 280 -1.72 12.38 -18.45
CA PHE A 280 -2.74 11.80 -19.31
C PHE A 280 -2.19 11.77 -20.72
N ARG A 281 -2.80 10.95 -21.57
CA ARG A 281 -2.39 10.93 -22.97
C ARG A 281 -2.93 12.14 -23.73
N ARG A 282 -2.20 12.59 -24.73
CA ARG A 282 -2.63 13.73 -25.55
C ARG A 282 -3.91 13.35 -26.30
N SER A 283 -3.98 12.10 -26.75
CA SER A 283 -5.14 11.62 -27.48
C SER A 283 -6.41 11.49 -26.63
N THR A 284 -6.41 12.02 -25.40
CA THR A 284 -7.61 11.92 -24.57
C THR A 284 -8.49 13.15 -24.77
N PHE A 285 -9.74 12.93 -25.18
CA PHE A 285 -10.69 14.04 -25.26
C PHE A 285 -11.02 14.46 -23.84
N LEU A 286 -10.72 15.71 -23.52
CA LEU A 286 -10.88 16.18 -22.16
C LEU A 286 -12.28 16.68 -21.96
N ARG A 287 -13.12 15.83 -21.39
CA ARG A 287 -14.48 16.26 -21.07
C ARG A 287 -14.44 17.42 -20.08
N SER A 288 -15.49 18.20 -20.06
CA SER A 288 -15.58 19.28 -19.08
C SER A 288 -15.51 18.79 -17.61
N TYR A 289 -16.02 17.60 -17.29
CA TYR A 289 -15.96 17.14 -15.89
C TYR A 289 -14.49 16.88 -15.51
N MET A 290 -13.71 16.47 -16.49
CA MET A 290 -12.28 16.31 -16.34
C MET A 290 -11.55 17.61 -15.97
N TYR A 291 -11.83 18.71 -16.68
CA TYR A 291 -11.24 20.03 -16.37
C TYR A 291 -11.57 20.42 -14.95
N ASP A 292 -12.82 20.18 -14.56
CA ASP A 292 -13.28 20.46 -13.22
C ASP A 292 -12.46 19.66 -12.20
N PHE A 293 -12.18 18.40 -12.53
CA PHE A 293 -11.46 17.54 -11.60
C PHE A 293 -10.02 18.03 -11.41
N ILE A 294 -9.33 18.18 -12.53
CA ILE A 294 -7.98 18.70 -12.57
C ILE A 294 -7.81 19.99 -11.77
N GLN A 295 -8.78 20.89 -11.89
CA GLN A 295 -8.69 22.20 -11.28
C GLN A 295 -9.09 22.16 -9.80
N ARG A 296 -9.94 21.20 -9.48
CA ARG A 296 -10.29 20.98 -8.08
C ARG A 296 -9.07 20.49 -7.33
N PHE A 297 -8.25 19.71 -8.02
CA PHE A 297 -7.08 19.08 -7.39
C PHE A 297 -5.89 20.04 -7.36
N ALA A 298 -5.73 20.78 -8.46
CA ALA A 298 -4.68 21.78 -8.60
C ALA A 298 -5.28 23.08 -9.20
N PRO A 299 -5.64 24.05 -8.33
CA PRO A 299 -6.37 25.27 -8.72
C PRO A 299 -5.72 26.01 -9.88
N HIS A 300 -4.40 26.04 -9.93
CA HIS A 300 -3.70 26.71 -11.03
C HIS A 300 -3.82 25.99 -12.35
N LEU A 301 -4.33 24.77 -12.35
CA LEU A 301 -4.47 24.06 -13.63
C LEU A 301 -5.86 24.31 -14.21
N THR A 302 -6.13 25.59 -14.53
CA THR A 302 -7.38 26.01 -15.16
C THR A 302 -7.40 25.47 -16.58
N ARG A 303 -8.56 25.56 -17.24
CA ARG A 303 -8.67 25.00 -18.58
C ARG A 303 -7.68 25.61 -19.57
N ASP A 304 -7.42 26.89 -19.42
CA ASP A 304 -6.56 27.56 -20.40
C ASP A 304 -5.11 27.23 -20.17
N VAL A 305 -4.74 27.16 -18.90
CA VAL A 305 -3.42 26.64 -18.57
C VAL A 305 -3.25 25.21 -19.09
N VAL A 306 -4.29 24.38 -18.96
CA VAL A 306 -4.15 22.97 -19.31
C VAL A 306 -3.99 22.85 -20.81
N ASP A 307 -4.86 23.54 -21.54
CA ASP A 307 -4.82 23.56 -23.02
C ASP A 307 -3.51 24.10 -23.60
N THR A 308 -3.02 25.20 -23.04
CA THR A 308 -1.68 25.70 -23.39
C THR A 308 -0.64 24.60 -23.18
N ALA A 309 -0.58 24.10 -21.96
CA ALA A 309 0.32 22.98 -21.61
C ALA A 309 0.23 21.83 -22.61
N VAL A 310 -1.00 21.45 -22.98
CA VAL A 310 -1.25 20.33 -23.88
C VAL A 310 -0.70 20.58 -25.29
N ALA A 311 -0.74 21.84 -25.71
CA ALA A 311 -0.27 22.24 -27.04
C ALA A 311 1.24 22.13 -27.26
N LEU A 312 2.05 22.52 -26.26
CA LEU A 312 3.49 22.33 -26.38
C LEU A 312 3.76 20.84 -26.52
N ARG A 313 4.69 20.48 -27.39
CA ARG A 313 5.05 19.07 -27.49
C ARG A 313 6.24 18.74 -26.59
N SER A 314 6.26 19.35 -25.41
CA SER A 314 7.36 19.15 -24.47
C SER A 314 6.90 19.20 -23.01
N ASN A 315 7.14 18.12 -22.27
CA ASN A 315 6.99 18.16 -20.82
C ASN A 315 7.97 19.15 -20.21
N GLU A 316 9.17 19.19 -20.76
CA GLU A 316 10.17 20.18 -20.37
C GLU A 316 9.61 21.61 -20.44
N GLU A 317 9.00 21.95 -21.57
CA GLU A 317 8.39 23.27 -21.73
C GLU A 317 7.25 23.50 -20.76
N ILE A 318 6.56 22.42 -20.39
CA ILE A 318 5.44 22.54 -19.48
C ILE A 318 5.93 22.86 -18.09
N GLU A 319 6.98 22.16 -17.67
CA GLU A 319 7.63 22.47 -16.40
C GLU A 319 8.08 23.93 -16.42
N ALA A 320 8.73 24.33 -17.51
CA ALA A 320 9.22 25.72 -17.66
C ALA A 320 8.07 26.74 -17.60
N MET A 321 6.88 26.34 -18.05
CA MET A 321 5.73 27.22 -18.02
C MET A 321 5.35 27.61 -16.59
N PHE A 322 5.61 26.72 -15.64
CA PHE A 322 5.22 26.99 -14.26
C PHE A 322 6.33 27.60 -13.40
N GLN A 323 7.52 27.69 -13.98
CA GLN A 323 8.71 28.22 -13.31
C GLN A 323 8.49 29.57 -12.60
N ASP A 324 7.57 30.40 -13.12
CA ASP A 324 7.33 31.71 -12.52
C ASP A 324 6.11 31.72 -11.59
N ILE A 325 5.42 30.57 -11.52
CA ILE A 325 4.22 30.44 -10.71
C ILE A 325 4.57 29.79 -9.38
N LYS A 326 3.93 30.23 -8.30
CA LYS A 326 3.97 29.47 -7.06
C LYS A 326 3.26 28.17 -7.32
N LEU A 327 3.37 27.23 -6.40
CA LEU A 327 2.59 25.99 -6.45
C LEU A 327 2.08 25.75 -5.06
N PRO A 328 0.93 25.08 -4.94
CA PRO A 328 0.49 24.79 -3.58
C PRO A 328 1.46 23.81 -2.93
N GLU A 329 1.47 23.73 -1.60
CA GLU A 329 2.34 22.81 -0.88
C GLU A 329 1.52 21.97 0.09
N LYS A 330 1.67 20.65 0.01
CA LYS A 330 0.97 19.75 0.93
C LYS A 330 2.00 19.05 1.80
N GLU B 92 18.25 -14.42 30.87
CA GLU B 92 16.92 -13.90 31.16
C GLU B 92 16.38 -13.40 29.83
N HIS B 93 15.06 -13.55 29.59
CA HIS B 93 14.39 -13.03 28.37
C HIS B 93 15.13 -13.10 27.01
N THR B 94 16.46 -13.03 27.03
CA THR B 94 17.23 -12.60 25.87
C THR B 94 18.28 -13.59 25.37
N TRP B 95 18.32 -13.78 24.05
CA TRP B 95 19.27 -14.70 23.43
C TRP B 95 20.36 -13.94 22.68
N PRO B 96 21.61 -14.42 22.78
CA PRO B 96 22.74 -13.67 22.25
C PRO B 96 22.94 -13.88 20.75
N ASP B 97 22.06 -14.66 20.13
CA ASP B 97 22.20 -14.98 18.71
C ASP B 97 22.49 -13.78 17.79
N LYS B 98 23.56 -13.91 17.01
CA LYS B 98 23.99 -12.91 16.06
C LYS B 98 23.68 -13.40 14.65
N GLY B 99 23.11 -12.52 13.82
CA GLY B 99 22.78 -12.84 12.43
C GLY B 99 21.78 -11.82 11.89
N SER B 100 21.36 -11.98 10.65
CA SER B 100 20.29 -11.15 10.14
C SER B 100 19.05 -11.93 9.66
N LEU B 101 17.91 -11.27 9.70
CA LEU B 101 16.66 -11.81 9.23
C LEU B 101 15.95 -10.85 8.27
N TYR B 102 15.87 -11.22 7.00
CA TYR B 102 15.26 -10.35 5.98
C TYR B 102 13.88 -10.84 5.58
N ILE B 103 12.86 -10.10 6.06
CA ILE B 103 11.49 -10.41 5.74
C ILE B 103 10.91 -9.50 4.66
N ALA B 104 10.34 -10.11 3.64
CA ALA B 104 9.70 -9.37 2.58
C ALA B 104 8.24 -9.76 2.61
N THR B 105 7.39 -8.78 2.79
CA THR B 105 5.96 -9.03 2.95
C THR B 105 5.07 -7.91 2.35
N THR B 106 3.78 -7.99 2.67
CA THR B 106 2.77 -7.14 2.05
C THR B 106 2.14 -6.26 3.13
N HIS B 107 1.27 -5.38 2.70
CA HIS B 107 0.53 -4.51 3.60
C HIS B 107 -0.37 -5.28 4.57
N THR B 108 -1.10 -6.29 4.09
CA THR B 108 -1.98 -7.06 4.95
C THR B 108 -1.20 -7.61 6.15
N GLN B 109 -0.16 -8.38 5.86
CA GLN B 109 0.68 -9.01 6.86
C GLN B 109 1.28 -7.99 7.81
N ALA B 110 2.01 -7.03 7.25
CA ALA B 110 2.69 -6.04 8.04
C ALA B 110 1.75 -5.24 8.94
N ARG B 111 0.58 -4.88 8.42
CA ARG B 111 -0.35 -4.03 9.17
C ARG B 111 -1.08 -4.80 10.28
N TYR B 112 -1.48 -6.04 9.95
CA TYR B 112 -2.51 -6.76 10.70
C TYR B 112 -2.08 -8.09 11.31
N ALA B 113 -1.09 -8.76 10.71
CA ALA B 113 -0.71 -10.11 11.14
C ALA B 113 0.68 -10.20 11.81
N LEU B 114 1.58 -9.26 11.50
CA LEU B 114 2.98 -9.31 11.96
C LEU B 114 3.43 -8.43 13.13
N PRO B 115 2.70 -7.35 13.44
CA PRO B 115 3.33 -6.48 14.44
C PRO B 115 3.64 -7.16 15.77
N GLY B 116 2.73 -7.96 16.30
CA GLY B 116 2.97 -8.67 17.54
C GLY B 116 4.22 -9.53 17.46
N VAL B 117 4.24 -10.43 16.47
CA VAL B 117 5.37 -11.30 16.26
C VAL B 117 6.67 -10.49 16.12
N ILE B 118 6.63 -9.42 15.33
CA ILE B 118 7.84 -8.68 15.07
C ILE B 118 8.39 -8.04 16.36
N LYS B 119 7.49 -7.54 17.20
CA LYS B 119 7.86 -6.91 18.47
C LYS B 119 8.49 -7.95 19.44
N GLY B 120 7.86 -9.10 19.57
CA GLY B 120 8.41 -10.12 20.42
C GLY B 120 9.78 -10.54 19.95
N PHE B 121 9.96 -10.58 18.64
CA PHE B 121 11.19 -11.05 18.08
C PHE B 121 12.33 -10.09 18.37
N ILE B 122 12.13 -8.80 18.12
CA ILE B 122 13.19 -7.82 18.28
C ILE B 122 13.68 -7.75 19.73
N GLU B 123 12.76 -7.87 20.68
CA GLU B 123 13.10 -7.88 22.08
C GLU B 123 13.73 -9.22 22.47
N ARG B 124 13.48 -10.26 21.67
CA ARG B 124 14.08 -11.55 21.97
C ARG B 124 15.51 -11.65 21.43
N TYR B 125 15.76 -11.00 20.30
CA TYR B 125 17.04 -11.16 19.61
C TYR B 125 17.82 -9.88 19.35
N PRO B 126 18.29 -9.23 20.41
CA PRO B 126 18.99 -7.95 20.32
C PRO B 126 20.16 -7.97 19.33
N ARG B 127 20.81 -9.12 19.14
CA ARG B 127 21.95 -9.16 18.22
C ARG B 127 21.56 -9.55 16.79
N VAL B 128 20.28 -9.86 16.56
CA VAL B 128 19.79 -10.14 15.22
C VAL B 128 19.35 -8.85 14.50
N SER B 129 19.97 -8.52 13.36
CA SER B 129 19.52 -7.41 12.51
C SER B 129 18.25 -7.78 11.72
N LEU B 130 17.12 -7.21 12.14
CA LEU B 130 15.87 -7.41 11.43
C LEU B 130 15.73 -6.43 10.27
N HIS B 131 15.57 -6.95 9.04
CA HIS B 131 15.24 -6.10 7.90
C HIS B 131 13.89 -6.48 7.30
N MET B 132 13.14 -5.47 6.87
CA MET B 132 11.82 -5.70 6.29
C MET B 132 11.62 -4.95 5.00
N HIS B 133 10.88 -5.55 4.10
CA HIS B 133 10.65 -4.94 2.83
C HIS B 133 9.23 -5.20 2.44
N GLN B 134 8.55 -4.17 1.95
CA GLN B 134 7.15 -4.30 1.61
C GLN B 134 6.99 -4.22 0.11
N GLY B 135 6.06 -4.99 -0.44
CA GLY B 135 5.83 -4.98 -1.86
C GLY B 135 4.63 -5.79 -2.25
N SER B 136 4.41 -5.95 -3.55
CA SER B 136 3.32 -6.77 -4.03
C SER B 136 3.71 -8.20 -3.75
N PRO B 137 2.73 -9.13 -3.71
CA PRO B 137 3.10 -10.53 -3.48
C PRO B 137 4.15 -11.04 -4.47
N THR B 138 4.10 -10.57 -5.71
CA THR B 138 5.02 -11.04 -6.73
C THR B 138 6.42 -10.49 -6.51
N GLN B 139 6.52 -9.23 -6.08
CA GLN B 139 7.82 -8.61 -5.88
C GLN B 139 8.49 -9.18 -4.65
N ILE B 140 7.67 -9.46 -3.65
CA ILE B 140 8.07 -10.14 -2.43
C ILE B 140 8.66 -11.51 -2.77
N ALA B 141 8.00 -12.23 -3.67
CA ALA B 141 8.44 -13.58 -4.02
C ALA B 141 9.70 -13.53 -4.85
N GLU B 142 9.79 -12.55 -5.74
CA GLU B 142 10.98 -12.37 -6.55
C GLU B 142 12.17 -12.07 -5.63
N ALA B 143 11.92 -11.24 -4.63
CA ALA B 143 12.94 -10.82 -3.70
C ALA B 143 13.57 -12.00 -2.97
N VAL B 144 12.76 -12.96 -2.56
CA VAL B 144 13.29 -14.12 -1.85
C VAL B 144 14.03 -15.00 -2.83
N SER B 145 13.47 -15.13 -4.04
CA SER B 145 14.01 -15.99 -5.07
C SER B 145 15.33 -15.45 -5.60
N LYS B 146 15.41 -14.14 -5.72
CA LYS B 146 16.65 -13.50 -6.18
C LYS B 146 17.67 -13.49 -5.04
N GLY B 147 17.22 -13.73 -3.81
CA GLY B 147 18.13 -13.82 -2.69
C GLY B 147 18.26 -12.55 -1.86
N ASN B 148 17.38 -11.58 -2.09
CA ASN B 148 17.42 -10.33 -1.34
C ASN B 148 16.62 -10.37 -0.03
N ALA B 149 15.92 -11.47 0.23
CA ALA B 149 15.23 -11.61 1.52
C ALA B 149 15.22 -13.08 1.92
N ASP B 150 15.00 -13.35 3.20
CA ASP B 150 15.06 -14.71 3.68
C ASP B 150 13.68 -15.35 3.52
N PHE B 151 12.65 -14.59 3.86
CA PHE B 151 11.29 -15.09 3.88
C PHE B 151 10.30 -14.18 3.15
N ALA B 152 9.44 -14.81 2.37
CA ALA B 152 8.30 -14.15 1.75
C ALA B 152 7.08 -14.53 2.54
N ILE B 153 6.28 -13.55 2.94
CA ILE B 153 5.02 -13.87 3.61
C ILE B 153 3.90 -13.11 2.88
N ALA B 154 3.01 -13.87 2.23
CA ALA B 154 1.90 -13.32 1.50
C ALA B 154 0.88 -14.40 1.21
N THR B 155 -0.32 -13.98 0.82
CA THR B 155 -1.36 -14.89 0.37
C THR B 155 -1.19 -15.24 -1.11
N GLU B 156 -1.00 -14.20 -1.93
CA GLU B 156 -0.99 -14.33 -3.39
C GLU B 156 0.35 -14.72 -3.98
N ALA B 157 0.31 -15.15 -5.24
CA ALA B 157 1.52 -15.34 -6.06
C ALA B 157 2.53 -16.40 -5.61
N LEU B 158 2.69 -16.56 -4.30
CA LEU B 158 3.76 -17.38 -3.74
C LEU B 158 3.81 -18.80 -4.32
N HIS B 159 2.63 -19.37 -4.55
CA HIS B 159 2.51 -20.72 -5.09
C HIS B 159 3.11 -20.88 -6.51
N LEU B 160 3.30 -19.76 -7.21
CA LEU B 160 3.78 -19.82 -8.59
C LEU B 160 5.30 -19.92 -8.67
N TYR B 161 5.94 -19.98 -7.50
CA TYR B 161 7.39 -20.00 -7.43
C TYR B 161 7.81 -21.27 -6.73
N ASP B 162 7.75 -22.40 -7.44
CA ASP B 162 8.11 -23.68 -6.82
C ASP B 162 9.62 -23.82 -6.56
N ASP B 163 10.38 -22.77 -6.88
CA ASP B 163 11.76 -22.68 -6.42
C ASP B 163 11.84 -22.25 -4.93
N LEU B 164 10.68 -22.07 -4.31
CA LEU B 164 10.56 -21.73 -2.90
C LEU B 164 9.80 -22.85 -2.24
N VAL B 165 10.07 -23.12 -0.98
CA VAL B 165 9.24 -24.02 -0.23
C VAL B 165 8.15 -23.18 0.45
N MET B 166 6.91 -23.61 0.34
CA MET B 166 5.79 -22.83 0.86
C MET B 166 5.20 -23.51 2.05
N LEU B 167 4.91 -22.75 3.08
CA LEU B 167 4.37 -23.29 4.30
C LEU B 167 3.11 -22.52 4.65
N PRO B 168 1.98 -23.24 4.75
CA PRO B 168 0.71 -22.62 5.15
C PRO B 168 0.81 -22.08 6.56
N CYS B 169 0.40 -20.83 6.77
CA CYS B 169 0.52 -20.20 8.09
C CYS B 169 -0.83 -20.01 8.75
N TYR B 170 -1.82 -19.61 7.96
CA TYR B 170 -3.19 -19.47 8.45
C TYR B 170 -4.20 -19.33 7.32
N HIS B 171 -5.48 -19.40 7.68
CA HIS B 171 -6.57 -19.24 6.73
C HIS B 171 -7.24 -17.95 7.10
N TRP B 172 -7.84 -17.28 6.12
CA TRP B 172 -8.58 -16.07 6.41
C TRP B 172 -9.72 -15.89 5.40
N ASN B 173 -10.68 -15.07 5.77
CA ASN B 173 -11.74 -14.78 4.83
C ASN B 173 -12.19 -13.34 4.91
N ARG B 174 -13.14 -12.99 4.05
CA ARG B 174 -13.50 -11.60 3.86
C ARG B 174 -14.71 -11.18 4.67
N SER B 175 -14.80 -9.87 4.85
CA SER B 175 -16.01 -9.24 5.32
C SER B 175 -16.42 -8.17 4.31
N ILE B 176 -17.70 -7.92 4.15
CA ILE B 176 -18.08 -6.74 3.40
C ILE B 176 -18.23 -5.65 4.44
N VAL B 177 -17.86 -4.42 4.07
CA VAL B 177 -17.97 -3.34 5.02
C VAL B 177 -18.61 -2.13 4.36
N VAL B 178 -19.52 -1.49 5.11
CA VAL B 178 -20.28 -0.37 4.61
C VAL B 178 -20.45 0.65 5.72
N THR B 179 -20.81 1.87 5.33
CA THR B 179 -21.15 2.88 6.31
C THR B 179 -22.50 2.50 6.90
N PRO B 180 -22.80 2.96 8.13
CA PRO B 180 -24.03 2.57 8.84
C PRO B 180 -25.31 2.71 8.01
N ASP B 181 -25.34 3.67 7.07
CA ASP B 181 -26.57 4.01 6.35
C ASP B 181 -26.79 3.22 5.06
N HIS B 182 -25.85 2.36 4.71
CA HIS B 182 -25.99 1.59 3.49
C HIS B 182 -27.11 0.52 3.61
N PRO B 183 -27.75 0.19 2.47
CA PRO B 183 -28.80 -0.85 2.39
C PRO B 183 -28.40 -2.21 2.93
N LEU B 184 -27.12 -2.56 2.76
CA LEU B 184 -26.62 -3.85 3.21
C LEU B 184 -26.40 -3.86 4.73
N ALA B 185 -26.30 -2.66 5.31
CA ALA B 185 -26.15 -2.50 6.76
C ALA B 185 -27.33 -3.10 7.51
N ALA B 186 -28.45 -3.28 6.81
CA ALA B 186 -29.68 -3.77 7.43
C ALA B 186 -29.66 -5.28 7.74
N THR B 187 -29.03 -6.08 6.87
CA THR B 187 -29.05 -7.52 7.09
C THR B 187 -27.78 -8.02 7.77
N SER B 188 -27.61 -9.34 7.69
CA SER B 188 -26.36 -9.99 8.00
C SER B 188 -26.22 -11.35 7.27
N SER B 189 -26.30 -11.42 5.93
CA SER B 189 -26.74 -10.38 4.99
C SER B 189 -26.76 -10.90 3.58
N VAL B 190 -25.99 -11.95 3.37
CA VAL B 190 -25.16 -11.88 2.19
C VAL B 190 -25.31 -12.95 1.18
N THR B 191 -26.16 -12.74 0.19
CA THR B 191 -26.08 -13.64 -0.94
C THR B 191 -25.14 -12.95 -1.93
N ILE B 192 -24.41 -13.75 -2.70
CA ILE B 192 -23.48 -13.18 -3.66
C ILE B 192 -24.23 -12.39 -4.75
N GLU B 193 -25.47 -12.82 -5.05
CA GLU B 193 -26.36 -12.10 -5.95
C GLU B 193 -26.80 -10.76 -5.38
N ALA B 194 -27.10 -10.69 -4.08
CA ALA B 194 -27.35 -9.39 -3.45
C ALA B 194 -26.14 -8.46 -3.56
N LEU B 195 -24.94 -9.00 -3.33
CA LEU B 195 -23.73 -8.19 -3.31
C LEU B 195 -23.40 -7.62 -4.69
N ALA B 196 -23.59 -8.44 -5.72
CA ALA B 196 -23.31 -8.04 -7.11
C ALA B 196 -24.18 -6.88 -7.61
N GLN B 197 -25.14 -6.47 -6.80
CA GLN B 197 -26.03 -5.37 -7.13
C GLN B 197 -25.33 -4.04 -6.86
N TYR B 198 -24.23 -4.10 -6.10
CA TYR B 198 -23.59 -2.90 -5.62
C TYR B 198 -22.25 -2.66 -6.26
N PRO B 199 -21.82 -1.39 -6.30
CA PRO B 199 -20.48 -1.00 -6.75
C PRO B 199 -19.44 -1.33 -5.68
N LEU B 200 -18.38 -2.01 -6.08
CA LEU B 200 -17.46 -2.62 -5.11
C LEU B 200 -16.09 -1.93 -5.03
N VAL B 201 -15.67 -1.68 -3.79
CA VAL B 201 -14.33 -1.24 -3.46
C VAL B 201 -13.54 -2.43 -2.89
N THR B 202 -12.64 -2.99 -3.68
CA THR B 202 -11.89 -4.15 -3.21
C THR B 202 -10.44 -4.18 -3.75
N TYR B 203 -9.77 -5.32 -3.59
CA TYR B 203 -8.38 -5.47 -4.02
C TYR B 203 -8.20 -5.70 -5.51
N THR B 204 -7.16 -5.09 -6.07
CA THR B 204 -6.80 -5.38 -7.45
C THR B 204 -6.43 -6.84 -7.60
N PHE B 205 -6.72 -7.37 -8.79
CA PHE B 205 -6.20 -8.64 -9.22
C PHE B 205 -4.74 -8.80 -8.82
N GLY B 206 -4.40 -9.90 -8.16
CA GLY B 206 -3.03 -10.15 -7.77
C GLY B 206 -2.79 -9.81 -6.32
N PHE B 207 -3.80 -9.34 -5.62
CA PHE B 207 -3.63 -8.92 -4.23
C PHE B 207 -4.64 -9.54 -3.28
N THR B 208 -4.15 -9.94 -2.12
CA THR B 208 -4.99 -10.30 -0.98
C THR B 208 -6.30 -11.06 -1.30
N GLY B 209 -6.20 -12.22 -1.93
CA GLY B 209 -7.36 -13.06 -2.12
C GLY B 209 -8.34 -12.57 -3.18
N ARG B 210 -7.90 -11.66 -4.04
CA ARG B 210 -8.74 -11.21 -5.12
C ARG B 210 -9.29 -12.37 -5.97
N SER B 211 -8.42 -13.34 -6.27
CA SER B 211 -8.80 -14.52 -7.07
C SER B 211 -9.95 -15.32 -6.46
N GLU B 212 -10.03 -15.35 -5.13
CA GLU B 212 -11.19 -15.94 -4.49
C GLU B 212 -12.49 -15.17 -4.81
N LEU B 213 -12.40 -13.85 -4.87
CA LEU B 213 -13.58 -13.04 -5.17
C LEU B 213 -14.03 -13.27 -6.61
N ASP B 214 -13.09 -13.35 -7.54
CA ASP B 214 -13.44 -13.48 -8.95
C ASP B 214 -14.09 -14.83 -9.15
N THR B 215 -13.47 -15.85 -8.54
CA THR B 215 -13.96 -17.21 -8.58
C THR B 215 -15.40 -17.29 -8.14
N ALA B 216 -15.70 -16.74 -6.98
CA ALA B 216 -17.05 -16.78 -6.46
C ALA B 216 -18.05 -16.13 -7.43
N PHE B 217 -17.71 -14.94 -7.95
CA PHE B 217 -18.61 -14.27 -8.90
C PHE B 217 -18.73 -15.02 -10.22
N ASN B 218 -17.63 -15.55 -10.74
CA ASN B 218 -17.68 -16.18 -12.05
C ASN B 218 -18.51 -17.46 -12.02
N ARG B 219 -18.29 -18.30 -11.01
CA ARG B 219 -19.08 -19.51 -10.87
C ARG B 219 -20.55 -19.24 -10.55
N ALA B 220 -20.88 -18.05 -10.07
CA ALA B 220 -22.29 -17.69 -9.90
C ALA B 220 -22.84 -17.07 -11.17
N GLY B 221 -22.06 -17.09 -12.25
CA GLY B 221 -22.43 -16.43 -13.49
C GLY B 221 -22.18 -14.93 -13.52
N LEU B 222 -22.38 -14.30 -12.36
CA LEU B 222 -22.31 -12.86 -12.12
C LEU B 222 -21.06 -12.16 -12.65
N THR B 223 -21.22 -10.88 -12.97
CA THR B 223 -20.10 -10.02 -13.28
C THR B 223 -20.15 -8.82 -12.32
N PRO B 224 -19.18 -8.76 -11.38
CA PRO B 224 -19.19 -7.72 -10.35
C PRO B 224 -18.88 -6.30 -10.89
N ARG B 225 -19.46 -5.26 -10.30
CA ARG B 225 -19.10 -3.89 -10.66
C ARG B 225 -18.09 -3.32 -9.67
N ILE B 226 -16.80 -3.43 -9.99
CA ILE B 226 -15.75 -2.91 -9.12
C ILE B 226 -15.28 -1.51 -9.53
N VAL B 227 -15.56 -0.50 -8.69
CA VAL B 227 -15.28 0.89 -9.04
C VAL B 227 -13.94 1.38 -8.52
N PHE B 228 -13.35 0.60 -7.62
CA PHE B 228 -12.05 0.93 -7.07
C PHE B 228 -11.27 -0.36 -6.85
N THR B 229 -10.19 -0.53 -7.61
CA THR B 229 -9.30 -1.65 -7.42
C THR B 229 -8.06 -1.18 -6.68
N ALA B 230 -8.00 -1.47 -5.39
CA ALA B 230 -6.93 -0.97 -4.51
C ALA B 230 -5.87 -2.02 -4.19
N THR B 231 -4.75 -1.59 -3.59
CA THR B 231 -3.73 -2.55 -3.17
C THR B 231 -3.63 -2.75 -1.67
N ASP B 232 -4.42 -2.00 -0.90
CA ASP B 232 -4.45 -2.24 0.54
C ASP B 232 -5.76 -1.79 1.15
N ALA B 233 -6.01 -2.24 2.37
CA ALA B 233 -7.30 -2.03 3.01
C ALA B 233 -7.43 -0.67 3.66
N ASP B 234 -6.33 0.05 3.82
CA ASP B 234 -6.43 1.39 4.40
C ASP B 234 -7.10 2.30 3.38
N VAL B 235 -6.66 2.17 2.13
CA VAL B 235 -7.23 2.91 1.03
C VAL B 235 -8.71 2.53 0.87
N ILE B 236 -8.97 1.22 0.86
CA ILE B 236 -10.30 0.71 0.63
C ILE B 236 -11.29 1.24 1.64
N LYS B 237 -10.89 1.23 2.91
CA LYS B 237 -11.77 1.70 3.97
C LYS B 237 -12.00 3.18 3.89
N THR B 238 -11.00 3.92 3.43
CA THR B 238 -11.15 5.34 3.23
C THR B 238 -12.30 5.66 2.28
N TYR B 239 -12.32 5.00 1.12
CA TYR B 239 -13.28 5.34 0.09
C TYR B 239 -14.65 4.70 0.28
N VAL B 240 -14.73 3.71 1.17
CA VAL B 240 -16.01 3.24 1.63
C VAL B 240 -16.56 4.31 2.58
N ARG B 241 -15.68 4.85 3.42
CA ARG B 241 -16.06 5.90 4.33
C ARG B 241 -16.59 7.14 3.61
N LEU B 242 -16.12 7.40 2.38
CA LEU B 242 -16.63 8.55 1.62
C LEU B 242 -17.86 8.20 0.81
N GLY B 243 -18.36 6.98 0.92
CA GLY B 243 -19.51 6.56 0.16
C GLY B 243 -19.29 6.21 -1.30
N LEU B 244 -18.07 5.86 -1.68
CA LEU B 244 -17.81 5.48 -3.07
C LEU B 244 -18.44 4.13 -3.41
N GLY B 245 -18.55 3.25 -2.42
CA GLY B 245 -19.09 1.92 -2.71
C GLY B 245 -19.00 0.96 -1.54
N VAL B 246 -19.28 -0.31 -1.84
CA VAL B 246 -19.26 -1.40 -0.86
C VAL B 246 -17.89 -2.06 -0.73
N GLY B 247 -17.32 -2.02 0.47
CA GLY B 247 -16.03 -2.62 0.70
C GLY B 247 -16.05 -4.12 0.87
N VAL B 248 -15.13 -4.80 0.19
CA VAL B 248 -14.83 -6.18 0.54
C VAL B 248 -13.34 -6.29 0.84
N ILE B 249 -13.02 -6.53 2.11
CA ILE B 249 -11.63 -6.62 2.62
C ILE B 249 -11.38 -7.91 3.42
N ALA B 250 -10.13 -8.11 3.83
CA ALA B 250 -9.83 -9.21 4.74
C ALA B 250 -10.41 -8.84 6.09
N SER B 251 -11.01 -9.83 6.74
CA SER B 251 -11.69 -9.59 8.01
C SER B 251 -10.73 -9.02 9.04
N MET B 252 -9.49 -9.49 8.99
CA MET B 252 -8.43 -8.96 9.86
C MET B 252 -8.18 -7.45 9.69
N ALA B 253 -8.60 -6.88 8.56
CA ALA B 253 -8.34 -5.48 8.26
C ALA B 253 -9.35 -4.52 8.88
N VAL B 254 -10.36 -5.09 9.54
CA VAL B 254 -11.35 -4.27 10.25
C VAL B 254 -11.45 -4.64 11.70
N ASP B 255 -11.40 -3.64 12.56
CA ASP B 255 -11.58 -3.87 13.98
C ASP B 255 -12.64 -2.93 14.53
N PRO B 256 -13.48 -3.46 15.44
CA PRO B 256 -14.54 -2.71 16.12
C PRO B 256 -14.06 -1.43 16.81
N LEU B 257 -12.83 -1.43 17.30
CA LEU B 257 -12.29 -0.26 18.00
C LEU B 257 -11.58 0.67 17.03
N ALA B 258 -10.83 0.10 16.09
CA ALA B 258 -10.08 0.89 15.11
C ALA B 258 -10.98 1.51 14.04
N ASP B 259 -12.03 0.78 13.66
CA ASP B 259 -12.96 1.23 12.63
C ASP B 259 -14.41 1.19 13.14
N PRO B 260 -14.71 2.00 14.18
CA PRO B 260 -16.03 1.88 14.82
C PRO B 260 -17.15 2.45 13.93
N ASP B 261 -16.78 3.23 12.93
CA ASP B 261 -17.76 3.86 12.06
C ASP B 261 -18.10 3.01 10.83
N LEU B 262 -17.75 1.72 10.86
CA LEU B 262 -18.06 0.85 9.73
C LEU B 262 -18.85 -0.37 10.16
N VAL B 263 -19.85 -0.73 9.36
CA VAL B 263 -20.62 -1.94 9.61
C VAL B 263 -19.94 -3.09 8.91
N ARG B 264 -19.63 -4.13 9.66
CA ARG B 264 -18.80 -5.23 9.16
C ARG B 264 -19.63 -6.51 9.02
N ILE B 265 -20.03 -6.82 7.79
CA ILE B 265 -20.83 -8.01 7.53
C ILE B 265 -19.97 -9.21 7.13
N ASP B 266 -20.28 -10.38 7.66
CA ASP B 266 -19.48 -11.58 7.39
C ASP B 266 -19.82 -12.24 6.07
N ALA B 267 -18.77 -12.65 5.35
CA ALA B 267 -18.90 -13.13 4.00
C ALA B 267 -18.26 -14.50 3.76
N HIS B 268 -17.96 -15.21 4.84
CA HIS B 268 -17.38 -16.55 4.71
C HIS B 268 -18.31 -17.55 4.00
N ASP B 269 -19.61 -17.23 3.93
CA ASP B 269 -20.58 -18.06 3.21
C ASP B 269 -20.34 -18.02 1.70
N ILE B 270 -20.10 -16.82 1.18
CA ILE B 270 -20.02 -16.64 -0.27
C ILE B 270 -18.62 -16.74 -0.87
N PHE B 271 -17.57 -16.63 -0.06
CA PHE B 271 -16.23 -16.77 -0.58
C PHE B 271 -15.51 -17.94 0.04
N SER B 272 -14.74 -18.66 -0.78
CA SER B 272 -13.75 -19.59 -0.26
C SER B 272 -12.75 -18.83 0.62
N HIS B 273 -12.15 -19.54 1.58
CA HIS B 273 -11.11 -18.94 2.40
C HIS B 273 -9.83 -18.73 1.59
N SER B 274 -8.95 -17.89 2.10
CA SER B 274 -7.64 -17.73 1.47
C SER B 274 -6.57 -18.16 2.44
N THR B 275 -5.39 -18.48 1.91
CA THR B 275 -4.34 -19.00 2.75
C THR B 275 -3.06 -18.21 2.61
N THR B 276 -2.66 -17.58 3.72
CA THR B 276 -1.40 -16.84 3.82
C THR B 276 -0.25 -17.81 4.07
N LYS B 277 0.75 -17.78 3.20
CA LYS B 277 1.86 -18.71 3.33
C LYS B 277 3.19 -17.98 3.55
N ILE B 278 4.17 -18.74 4.02
CA ILE B 278 5.54 -18.24 4.13
C ILE B 278 6.47 -19.05 3.24
N GLY B 279 7.33 -18.36 2.50
CA GLY B 279 8.19 -19.02 1.54
C GLY B 279 9.64 -18.66 1.73
N PHE B 280 10.53 -19.59 1.41
CA PHE B 280 11.97 -19.36 1.52
C PHE B 280 12.68 -20.32 0.57
N ARG B 281 13.92 -20.00 0.21
CA ARG B 281 14.67 -20.89 -0.65
C ARG B 281 15.18 -22.09 0.14
N ARG B 282 15.33 -23.23 -0.52
CA ARG B 282 15.80 -24.44 0.14
C ARG B 282 17.24 -24.20 0.56
N SER B 283 17.97 -23.45 -0.27
CA SER B 283 19.38 -23.17 -0.01
C SER B 283 19.61 -22.21 1.16
N THR B 284 18.59 -21.94 1.97
CA THR B 284 18.76 -21.04 3.11
C THR B 284 19.06 -21.82 4.38
N PHE B 285 20.21 -21.54 5.00
CA PHE B 285 20.51 -22.15 6.28
C PHE B 285 19.58 -21.55 7.31
N LEU B 286 18.78 -22.40 7.94
CA LEU B 286 17.74 -21.92 8.82
C LEU B 286 18.33 -21.79 10.19
N ARG B 287 18.68 -20.57 10.55
CA ARG B 287 19.18 -20.33 11.89
C ARG B 287 18.08 -20.64 12.88
N SER B 288 18.46 -20.87 14.12
CA SER B 288 17.48 -21.13 15.15
C SER B 288 16.54 -19.93 15.43
N TYR B 289 17.00 -18.70 15.26
CA TYR B 289 16.09 -17.55 15.45
C TYR B 289 14.98 -17.55 14.36
N MET B 290 15.33 -18.05 13.20
CA MET B 290 14.39 -18.25 12.13
C MET B 290 13.27 -19.25 12.49
N TYR B 291 13.61 -20.42 13.05
CA TYR B 291 12.61 -21.42 13.48
C TYR B 291 11.67 -20.84 14.52
N ASP B 292 12.24 -20.12 15.47
CA ASP B 292 11.47 -19.38 16.46
C ASP B 292 10.48 -18.39 15.77
N PHE B 293 10.94 -17.64 14.76
CA PHE B 293 10.08 -16.67 14.09
C PHE B 293 8.90 -17.37 13.41
N ILE B 294 9.23 -18.34 12.57
CA ILE B 294 8.27 -19.15 11.86
C ILE B 294 7.18 -19.70 12.78
N GLN B 295 7.60 -20.19 13.93
CA GLN B 295 6.70 -20.87 14.85
C GLN B 295 5.88 -19.86 15.67
N ARG B 296 6.47 -18.71 15.92
CA ARG B 296 5.74 -17.59 16.53
C ARG B 296 4.59 -17.15 15.64
N PHE B 297 4.81 -17.21 14.32
CA PHE B 297 3.86 -16.69 13.36
C PHE B 297 2.81 -17.74 13.06
N ALA B 298 3.27 -18.99 12.98
CA ALA B 298 2.43 -20.16 12.72
C ALA B 298 2.82 -21.31 13.67
N PRO B 299 2.12 -21.42 14.81
CA PRO B 299 2.47 -22.37 15.90
C PRO B 299 2.68 -23.80 15.41
N HIS B 300 1.89 -24.23 14.44
CA HIS B 300 2.04 -25.57 13.89
C HIS B 300 3.30 -25.76 13.07
N LEU B 301 3.96 -24.68 12.70
CA LEU B 301 5.20 -24.86 11.94
C LEU B 301 6.41 -24.97 12.88
N THR B 302 6.39 -26.00 13.72
CA THR B 302 7.51 -26.37 14.59
C THR B 302 8.72 -26.79 13.75
N ARG B 303 9.88 -26.91 14.38
CA ARG B 303 11.08 -27.23 13.63
C ARG B 303 10.97 -28.54 12.85
N ASP B 304 10.29 -29.52 13.44
CA ASP B 304 10.29 -30.85 12.86
C ASP B 304 9.32 -30.87 11.71
N VAL B 305 8.19 -30.22 11.91
CA VAL B 305 7.28 -29.98 10.78
C VAL B 305 7.98 -29.25 9.62
N VAL B 306 8.78 -28.23 9.97
CA VAL B 306 9.40 -27.41 8.93
C VAL B 306 10.42 -28.24 8.17
N ASP B 307 11.28 -28.94 8.91
CA ASP B 307 12.30 -29.80 8.31
C ASP B 307 11.73 -30.94 7.43
N THR B 308 10.68 -31.59 7.91
CA THR B 308 9.96 -32.58 7.11
C THR B 308 9.49 -31.91 5.80
N ALA B 309 8.74 -30.83 5.94
CA ALA B 309 8.27 -30.06 4.79
C ALA B 309 9.39 -29.73 3.79
N VAL B 310 10.53 -29.29 4.33
CA VAL B 310 11.67 -28.89 3.53
C VAL B 310 12.26 -30.04 2.73
N ALA B 311 12.21 -31.24 3.32
CA ALA B 311 12.78 -32.43 2.68
C ALA B 311 12.02 -32.94 1.45
N LEU B 312 10.68 -32.92 1.48
CA LEU B 312 9.91 -33.25 0.27
C LEU B 312 10.28 -32.27 -0.83
N ARG B 313 10.31 -32.72 -2.08
CA ARG B 313 10.72 -31.83 -3.18
C ARG B 313 9.51 -31.10 -3.77
N SER B 314 8.39 -31.22 -3.06
CA SER B 314 7.11 -30.84 -3.62
C SER B 314 6.35 -29.90 -2.69
N ASN B 315 5.98 -28.73 -3.20
CA ASN B 315 5.03 -27.87 -2.51
C ASN B 315 3.68 -28.57 -2.40
N GLU B 316 3.33 -29.29 -3.45
CA GLU B 316 2.10 -30.09 -3.49
C GLU B 316 2.05 -31.04 -2.29
N GLU B 317 3.14 -31.77 -2.08
CA GLU B 317 3.24 -32.69 -0.96
C GLU B 317 3.16 -31.98 0.39
N ILE B 318 3.68 -30.76 0.42
CA ILE B 318 3.68 -29.99 1.65
C ILE B 318 2.25 -29.60 1.99
N GLU B 319 1.52 -29.10 1.00
CA GLU B 319 0.10 -28.82 1.19
C GLU B 319 -0.63 -30.07 1.70
N ALA B 320 -0.40 -31.18 1.02
CA ALA B 320 -0.97 -32.46 1.43
C ALA B 320 -0.63 -32.84 2.86
N MET B 321 0.57 -32.48 3.31
CA MET B 321 1.00 -32.80 4.67
C MET B 321 0.07 -32.15 5.70
N PHE B 322 -0.50 -31.01 5.37
CA PHE B 322 -1.32 -30.28 6.35
C PHE B 322 -2.80 -30.58 6.22
N GLN B 323 -3.14 -31.35 5.18
CA GLN B 323 -4.53 -31.70 4.89
C GLN B 323 -5.32 -32.24 6.09
N ASP B 324 -4.64 -32.90 7.02
CA ASP B 324 -5.32 -33.47 8.19
C ASP B 324 -5.23 -32.59 9.43
N ILE B 325 -4.48 -31.49 9.32
CA ILE B 325 -4.29 -30.56 10.43
C ILE B 325 -5.27 -29.40 10.31
N LYS B 326 -5.76 -28.90 11.44
CA LYS B 326 -6.45 -27.62 11.44
C LYS B 326 -5.41 -26.56 11.10
N LEU B 327 -5.87 -25.35 10.85
CA LEU B 327 -4.95 -24.23 10.69
C LEU B 327 -5.54 -23.07 11.45
N PRO B 328 -4.71 -22.15 11.94
CA PRO B 328 -5.33 -21.02 12.62
C PRO B 328 -6.13 -20.19 11.62
N GLU B 329 -7.06 -19.37 12.09
CA GLU B 329 -7.85 -18.49 11.22
C GLU B 329 -7.78 -17.06 11.71
N LYS B 330 -7.41 -16.15 10.81
CA LYS B 330 -7.33 -14.72 11.12
C LYS B 330 -8.38 -13.96 10.28
C1 GOL C . 16.20 22.55 -2.02
O1 GOL C . 17.03 22.92 -3.10
C2 GOL C . 14.79 23.08 -2.27
O2 GOL C . 14.31 22.69 -3.54
C3 GOL C . 13.84 22.59 -1.17
O3 GOL C . 12.53 22.94 -1.54
S SO4 D . 3.58 9.20 -4.70
O1 SO4 D . 3.89 10.34 -3.85
O2 SO4 D . 4.60 9.06 -5.76
O3 SO4 D . 3.55 7.99 -3.88
O4 SO4 D . 2.29 9.45 -5.29
S SO4 E . -1.65 -10.68 1.06
O1 SO4 E . -1.86 -9.26 0.70
O2 SO4 E . -0.50 -10.79 1.97
O3 SO4 E . -2.83 -11.15 1.76
O4 SO4 E . -1.30 -11.47 -0.10
#